data_4E3Z
#
_entry.id   4E3Z
#
_cell.length_a   129.431
_cell.length_b   129.431
_cell.length_c   51.662
_cell.angle_alpha   90.00
_cell.angle_beta   90.00
_cell.angle_gamma   120.00
#
_symmetry.space_group_name_H-M   'P 31 2 1'
#
loop_
_entity.id
_entity.type
_entity.pdbx_description
1 polymer 'Putative oxidoreductase protein'
2 water water
#
_entity_poly.entity_id   1
_entity_poly.type   'polypeptide(L)'
_entity_poly.pdbx_seq_one_letter_code
;(MSE)HHHHHHSSGVDLGTENLYFQS(MSE)SDTPVVLVTGGSRGIGAAVCRLAARQGWRVGVNYAANREAADAVVAAIT
ESGGEAVAIPGDVGNAADIAA(MSE)FSAVDRQFGRLDGLVNNAGIVDYPQRVDE(MSE)SVERIER(MSE)LRVNVTGS
ILCAAEAVRR(MSE)SRLYSGQGGAIVNVSS(MSE)AAILGSATQYVDYAASKAAIDTFTIGLAREVAAEGIRVNAVRPG
IIETDLHASGGLPDRARE(MSE)APSVP(MSE)QRAG(MSE)PEEVADAILYLLSPSASYVTGSILNVSGGR
;
_entity_poly.pdbx_strand_id   A,B
#
# COMPACT_ATOMS: atom_id res chain seq x y z
N SER A 24 -3.09 33.63 -16.09
CA SER A 24 -4.21 34.05 -15.21
C SER A 24 -5.41 33.10 -15.30
N ASP A 25 -5.97 32.98 -16.49
CA ASP A 25 -6.88 31.91 -16.87
C ASP A 25 -6.09 30.71 -17.42
N THR A 26 -4.77 30.65 -17.18
CA THR A 26 -3.96 29.55 -17.71
C THR A 26 -3.84 28.46 -16.62
N PRO A 27 -4.17 27.19 -16.94
CA PRO A 27 -4.16 26.19 -15.86
C PRO A 27 -2.74 25.87 -15.34
N VAL A 28 -2.67 25.43 -14.10
CA VAL A 28 -1.43 25.23 -13.39
C VAL A 28 -1.30 23.75 -12.93
N VAL A 29 -0.19 23.09 -13.27
CA VAL A 29 0.14 21.76 -12.73
C VAL A 29 1.37 21.77 -11.79
N LEU A 30 1.26 21.18 -10.62
CA LEU A 30 2.44 20.89 -9.80
C LEU A 30 2.93 19.47 -10.15
N VAL A 31 4.22 19.31 -10.54
CA VAL A 31 4.75 17.97 -10.75
C VAL A 31 5.78 17.69 -9.65
N THR A 32 5.51 16.72 -8.77
CA THR A 32 6.47 16.38 -7.74
C THR A 32 7.64 15.58 -8.39
N GLY A 33 8.84 15.77 -7.90
CA GLY A 33 9.99 15.12 -8.54
C GLY A 33 10.08 15.43 -10.02
N GLY A 34 9.96 16.72 -10.38
CA GLY A 34 9.97 17.14 -11.75
C GLY A 34 11.32 17.36 -12.44
N SER A 35 12.43 17.07 -11.76
CA SER A 35 13.79 17.48 -12.17
C SER A 35 14.40 16.57 -13.17
N ARG A 36 13.94 15.32 -13.24
CA ARG A 36 14.65 14.36 -14.06
C ARG A 36 13.68 13.29 -14.56
N GLY A 37 14.03 12.57 -15.64
CA GLY A 37 13.36 11.29 -15.96
C GLY A 37 11.91 11.59 -16.34
N ILE A 38 11.00 10.79 -15.81
CA ILE A 38 9.60 10.94 -16.15
C ILE A 38 9.09 12.36 -15.72
N GLY A 39 9.50 12.81 -14.55
CA GLY A 39 8.95 14.07 -13.98
C GLY A 39 9.31 15.26 -14.85
N ALA A 40 10.53 15.24 -15.38
CA ALA A 40 11.06 16.31 -16.27
C ALA A 40 10.32 16.22 -17.57
N ALA A 41 10.08 15.00 -18.07
CA ALA A 41 9.39 14.87 -19.39
C ALA A 41 7.93 15.37 -19.27
N VAL A 42 7.33 15.14 -18.10
CA VAL A 42 5.96 15.63 -17.78
C VAL A 42 5.96 17.17 -17.80
N CYS A 43 6.93 17.76 -17.08
CA CYS A 43 6.97 19.24 -16.99
C CYS A 43 7.07 19.84 -18.38
N ARG A 44 8.02 19.33 -19.16
CA ARG A 44 8.22 19.87 -20.54
C ARG A 44 7.01 19.71 -21.39
N LEU A 45 6.40 18.54 -21.33
CA LEU A 45 5.22 18.29 -22.19
C LEU A 45 4.02 19.17 -21.77
N ALA A 46 3.81 19.27 -20.45
CA ALA A 46 2.70 20.10 -19.88
C ALA A 46 2.80 21.57 -20.35
N ALA A 47 3.98 22.15 -20.25
CA ALA A 47 4.27 23.50 -20.79
C ALA A 47 3.99 23.56 -22.30
N ARG A 48 4.42 22.55 -23.04
CA ARG A 48 4.16 22.52 -24.46
C ARG A 48 2.67 22.45 -24.74
N GLN A 49 1.88 21.90 -23.83
CA GLN A 49 0.47 21.84 -24.10
C GLN A 49 -0.26 23.01 -23.44
N GLY A 50 0.46 23.99 -22.88
CA GLY A 50 -0.23 25.20 -22.37
C GLY A 50 -0.45 25.31 -20.87
N TRP A 51 0.12 24.39 -20.09
CA TRP A 51 0.10 24.55 -18.65
C TRP A 51 1.23 25.42 -18.15
N ARG A 52 1.00 26.17 -17.08
CA ARG A 52 2.08 26.65 -16.24
C ARG A 52 2.49 25.55 -15.25
N VAL A 53 3.81 25.36 -15.10
CA VAL A 53 4.33 24.19 -14.42
C VAL A 53 5.11 24.52 -13.17
N GLY A 54 4.69 23.93 -12.04
CA GLY A 54 5.52 23.90 -10.83
C GLY A 54 6.49 22.73 -10.88
N VAL A 55 7.79 23.02 -10.96
CA VAL A 55 8.77 21.96 -11.17
C VAL A 55 9.35 21.65 -9.81
N ASN A 56 8.87 20.61 -9.14
CA ASN A 56 9.37 20.34 -7.76
C ASN A 56 10.67 19.54 -7.80
N TYR A 57 11.63 19.89 -6.93
CA TYR A 57 12.85 19.10 -6.79
C TYR A 57 13.05 18.92 -5.31
N ALA A 58 13.73 17.86 -4.91
CA ALA A 58 13.98 17.70 -3.48
C ALA A 58 15.40 18.09 -3.04
N ALA A 59 16.42 17.92 -3.88
CA ALA A 59 17.78 18.13 -3.40
C ALA A 59 18.60 19.07 -4.26
N ASN A 60 18.38 19.04 -5.58
CA ASN A 60 19.28 19.62 -6.55
C ASN A 60 18.65 20.78 -7.32
N ARG A 61 18.78 21.99 -6.79
CA ARG A 61 18.22 23.17 -7.47
C ARG A 61 18.64 23.37 -8.98
N GLU A 62 19.87 22.99 -9.34
CA GLU A 62 20.36 23.28 -10.70
C GLU A 62 19.64 22.43 -11.71
N ALA A 63 19.40 21.18 -11.33
CA ALA A 63 18.70 20.26 -12.22
C ALA A 63 17.28 20.83 -12.57
N ALA A 64 16.60 21.27 -11.54
CA ALA A 64 15.28 21.92 -11.67
C ALA A 64 15.29 23.18 -12.57
N ASP A 65 16.29 24.03 -12.32
CA ASP A 65 16.43 25.31 -13.05
C ASP A 65 16.66 25.00 -14.50
N ALA A 66 17.40 23.92 -14.79
CA ALA A 66 17.58 23.48 -16.18
C ALA A 66 16.24 23.07 -16.81
N VAL A 67 15.40 22.30 -16.08
CA VAL A 67 14.08 22.02 -16.67
C VAL A 67 13.28 23.34 -16.83
N VAL A 68 13.31 24.22 -15.83
CA VAL A 68 12.60 25.52 -15.93
C VAL A 68 13.09 26.31 -17.17
N ALA A 69 14.41 26.28 -17.35
CA ALA A 69 15.03 26.94 -18.50
C ALA A 69 14.57 26.39 -19.85
N ALA A 70 14.56 25.07 -20.00
CA ALA A 70 14.06 24.51 -21.27
C ALA A 70 12.64 24.99 -21.50
N ILE A 71 11.81 25.03 -20.45
CA ILE A 71 10.42 25.44 -20.64
C ILE A 71 10.36 26.95 -21.05
N THR A 72 10.97 27.81 -20.26
CA THR A 72 10.84 29.24 -20.51
C THR A 72 11.48 29.56 -21.88
N GLU A 73 12.67 29.00 -22.17
CA GLU A 73 13.30 29.17 -23.47
C GLU A 73 12.33 28.87 -24.58
N SER A 74 11.47 27.89 -24.35
CA SER A 74 10.50 27.49 -25.38
C SER A 74 9.25 28.32 -25.34
N GLY A 75 9.21 29.36 -24.51
CA GLY A 75 8.01 30.17 -24.40
C GLY A 75 7.03 29.75 -23.31
N GLY A 76 7.39 28.75 -22.50
CA GLY A 76 6.52 28.24 -21.47
C GLY A 76 6.69 28.96 -20.16
N GLU A 77 5.84 28.62 -19.19
CA GLU A 77 5.92 29.19 -17.86
C GLU A 77 6.14 28.11 -16.80
N ALA A 78 7.19 28.24 -15.99
CA ALA A 78 7.53 27.25 -14.96
C ALA A 78 8.32 27.93 -13.87
N VAL A 79 8.29 27.35 -12.67
CA VAL A 79 8.99 27.87 -11.52
C VAL A 79 9.47 26.61 -10.80
N ALA A 80 10.67 26.66 -10.21
CA ALA A 80 11.26 25.54 -9.43
C ALA A 80 10.72 25.65 -8.00
N ILE A 81 10.23 24.55 -7.43
CA ILE A 81 9.67 24.54 -6.07
C ILE A 81 10.40 23.47 -5.29
N PRO A 82 11.06 23.87 -4.22
CA PRO A 82 11.85 22.98 -3.39
C PRO A 82 10.89 22.14 -2.48
N GLY A 83 11.28 20.92 -2.06
CA GLY A 83 10.45 20.15 -1.11
C GLY A 83 10.62 18.67 -1.32
N ASP A 84 10.75 17.94 -0.22
CA ASP A 84 10.90 16.51 -0.24
C ASP A 84 9.54 15.95 0.22
N VAL A 85 8.98 15.03 -0.57
CA VAL A 85 7.59 14.56 -0.28
C VAL A 85 7.60 13.57 0.90
N GLY A 86 8.79 13.16 1.31
CA GLY A 86 8.91 12.33 2.50
C GLY A 86 8.84 13.20 3.75
N ASN A 87 8.63 14.49 3.57
CA ASN A 87 8.61 15.41 4.71
C ASN A 87 7.31 16.18 4.74
N ALA A 88 6.48 15.90 5.73
CA ALA A 88 5.14 16.48 5.68
C ALA A 88 5.16 18.04 5.70
N ALA A 89 6.10 18.61 6.46
CA ALA A 89 6.31 20.09 6.53
C ALA A 89 6.63 20.62 5.10
N ASP A 90 7.54 19.95 4.38
CA ASP A 90 7.85 20.38 3.02
C ASP A 90 6.64 20.40 2.09
N ILE A 91 5.74 19.41 2.25
CA ILE A 91 4.56 19.33 1.38
C ILE A 91 3.72 20.60 1.52
N ALA A 92 3.48 20.99 2.75
CA ALA A 92 2.61 22.16 2.96
C ALA A 92 3.29 23.39 2.34
N ALA A 93 4.60 23.43 2.46
CA ALA A 93 5.37 24.60 1.94
C ALA A 93 5.36 24.64 0.44
N MSE A 94 5.40 23.46 -0.20
CA MSE A 94 5.47 23.44 -1.63
C MSE A 94 4.16 23.88 -2.20
O MSE A 94 4.11 24.57 -3.25
CB MSE A 94 5.91 21.99 -1.95
CG MSE A 94 5.43 21.45 -3.25
SE MSE A 94 5.80 19.45 -3.31
CE MSE A 94 6.90 19.12 -1.76
N PHE A 95 3.07 23.51 -1.52
CA PHE A 95 1.77 23.95 -1.99
C PHE A 95 1.54 25.47 -1.74
N SER A 96 2.07 25.97 -0.64
CA SER A 96 2.12 27.42 -0.34
C SER A 96 2.84 28.19 -1.41
N ALA A 97 3.94 27.62 -1.92
CA ALA A 97 4.73 28.29 -2.91
C ALA A 97 3.95 28.29 -4.22
N VAL A 98 3.19 27.21 -4.50
CA VAL A 98 2.30 27.23 -5.62
C VAL A 98 1.25 28.36 -5.51
N ASP A 99 0.64 28.48 -4.35
CA ASP A 99 -0.38 29.53 -4.09
C ASP A 99 0.26 30.87 -4.39
N ARG A 100 1.41 31.12 -3.82
CA ARG A 100 2.06 32.43 -4.06
C ARG A 100 2.48 32.67 -5.49
N GLN A 101 3.02 31.69 -6.19
CA GLN A 101 3.57 31.97 -7.48
C GLN A 101 2.53 32.03 -8.56
N PHE A 102 1.50 31.21 -8.45
CA PHE A 102 0.53 31.09 -9.53
C PHE A 102 -0.87 31.51 -9.21
N GLY A 103 -1.24 31.51 -7.95
CA GLY A 103 -2.63 31.89 -7.64
C GLY A 103 -3.71 30.83 -7.80
N ARG A 104 -3.40 29.65 -8.38
CA ARG A 104 -4.44 28.59 -8.58
C ARG A 104 -3.70 27.28 -8.75
N LEU A 105 -4.47 26.17 -8.78
CA LEU A 105 -3.96 24.81 -9.01
C LEU A 105 -5.00 23.97 -9.80
N ASP A 106 -4.60 23.42 -10.95
CA ASP A 106 -5.53 22.67 -11.80
C ASP A 106 -5.14 21.21 -12.04
N GLY A 107 -3.89 20.88 -11.72
CA GLY A 107 -3.41 19.51 -11.90
C GLY A 107 -2.34 19.21 -10.89
N LEU A 108 -2.27 17.94 -10.51
CA LEU A 108 -1.16 17.44 -9.71
C LEU A 108 -0.62 16.15 -10.29
N VAL A 109 0.70 16.07 -10.48
CA VAL A 109 1.24 14.75 -10.91
C VAL A 109 2.12 14.27 -9.78
N ASN A 110 1.70 13.18 -9.14
CA ASN A 110 2.41 12.63 -7.95
C ASN A 110 3.51 11.72 -8.52
N ASN A 111 4.60 12.32 -8.94
CA ASN A 111 5.65 11.50 -9.59
C ASN A 111 6.85 11.22 -8.71
N ALA A 112 7.08 12.03 -7.67
CA ALA A 112 8.24 11.82 -6.85
C ALA A 112 8.08 10.52 -6.11
N GLY A 113 9.18 9.80 -5.95
CA GLY A 113 9.13 8.57 -5.18
C GLY A 113 10.46 7.87 -5.26
N ILE A 114 10.59 6.70 -4.64
CA ILE A 114 11.94 6.11 -4.48
C ILE A 114 11.83 4.61 -4.71
N VAL A 115 12.94 3.98 -5.07
CA VAL A 115 13.05 2.52 -5.09
C VAL A 115 14.16 2.22 -4.07
N ASP A 116 14.60 0.96 -3.91
CA ASP A 116 15.76 0.76 -2.99
C ASP A 116 16.58 -0.30 -3.64
N TYR A 117 17.75 -0.61 -3.08
CA TYR A 117 18.57 -1.68 -3.62
C TYR A 117 17.90 -3.07 -3.35
N PRO A 118 18.21 -4.11 -4.17
CA PRO A 118 17.49 -5.40 -4.10
C PRO A 118 17.77 -6.08 -2.79
N GLN A 119 16.72 -6.53 -2.11
CA GLN A 119 16.87 -7.32 -0.91
C GLN A 119 15.67 -8.26 -0.86
N ARG A 120 15.85 -9.44 -0.29
CA ARG A 120 14.74 -10.24 0.21
C ARG A 120 14.02 -9.55 1.35
N VAL A 121 12.72 -9.83 1.42
CA VAL A 121 11.91 -9.40 2.58
C VAL A 121 12.54 -9.78 3.92
N ASP A 122 13.05 -11.00 4.03
CA ASP A 122 13.60 -11.41 5.31
C ASP A 122 14.93 -10.73 5.65
N GLU A 123 15.37 -9.78 4.81
CA GLU A 123 16.61 -9.00 5.06
C GLU A 123 16.29 -7.54 5.30
N MSE A 124 15.03 -7.13 5.09
CA MSE A 124 14.70 -5.67 5.09
C MSE A 124 14.64 -5.12 6.46
O MSE A 124 14.08 -5.77 7.35
CB MSE A 124 13.33 -5.41 4.46
CG MSE A 124 13.49 -5.63 2.96
SE MSE A 124 11.67 -5.45 2.20
CE MSE A 124 12.15 -6.13 0.39
N SER A 125 15.23 -3.95 6.73
CA SER A 125 15.10 -3.37 8.08
C SER A 125 13.78 -2.62 8.16
N VAL A 126 13.33 -2.39 9.38
CA VAL A 126 12.22 -1.51 9.56
C VAL A 126 12.47 -0.10 8.98
N GLU A 127 13.71 0.41 9.03
CA GLU A 127 13.95 1.77 8.56
C GLU A 127 13.72 1.84 7.07
N ARG A 128 14.11 0.80 6.37
CA ARG A 128 13.92 0.76 4.93
C ARG A 128 12.40 0.80 4.58
N ILE A 129 11.66 -0.07 5.24
CA ILE A 129 10.20 -0.21 4.90
C ILE A 129 9.43 1.07 5.28
N GLU A 130 9.69 1.57 6.47
CA GLU A 130 9.08 2.83 6.93
C GLU A 130 9.33 3.94 5.93
N ARG A 131 10.57 4.08 5.42
CA ARG A 131 10.84 5.16 4.45
C ARG A 131 10.10 4.93 3.11
N MSE A 132 10.14 3.69 2.64
CA MSE A 132 9.49 3.34 1.37
C MSE A 132 8.01 3.81 1.45
O MSE A 132 7.50 4.47 0.54
CB MSE A 132 9.67 1.83 1.10
CG MSE A 132 9.04 1.36 -0.17
SE MSE A 132 10.16 2.01 -1.68
CE MSE A 132 11.65 0.74 -1.48
N LEU A 133 7.34 3.49 2.56
CA LEU A 133 5.90 3.80 2.71
C LEU A 133 5.71 5.31 2.88
N ARG A 134 6.58 5.93 3.70
CA ARG A 134 6.47 7.40 3.97
C ARG A 134 6.57 8.23 2.67
N VAL A 135 7.57 7.87 1.83
CA VAL A 135 7.84 8.65 0.60
C VAL A 135 6.81 8.30 -0.46
N ASN A 136 6.66 7.00 -0.78
CA ASN A 136 5.80 6.62 -1.93
C ASN A 136 4.30 6.76 -1.62
N VAL A 137 3.91 6.40 -0.40
CA VAL A 137 2.47 6.37 -0.13
C VAL A 137 2.09 7.66 0.59
N THR A 138 2.60 7.87 1.80
CA THR A 138 2.13 9.04 2.59
C THR A 138 2.37 10.33 1.82
N GLY A 139 3.48 10.39 1.09
CA GLY A 139 3.88 11.64 0.40
C GLY A 139 2.85 11.94 -0.68
N SER A 140 2.45 10.89 -1.41
CA SER A 140 1.47 11.05 -2.44
C SER A 140 0.07 11.31 -1.87
N ILE A 141 -0.29 10.66 -0.76
CA ILE A 141 -1.61 10.95 -0.17
C ILE A 141 -1.65 12.43 0.29
N LEU A 142 -0.59 12.90 0.96
CA LEU A 142 -0.57 14.29 1.49
C LEU A 142 -0.59 15.30 0.40
N CYS A 143 0.15 15.05 -0.69
CA CYS A 143 0.09 15.97 -1.83
C CYS A 143 -1.29 15.99 -2.44
N ALA A 144 -1.91 14.81 -2.60
CA ALA A 144 -3.29 14.75 -3.18
C ALA A 144 -4.27 15.53 -2.27
N ALA A 145 -4.12 15.40 -0.96
CA ALA A 145 -4.95 16.14 -0.01
C ALA A 145 -4.85 17.66 -0.20
N GLU A 146 -3.62 18.15 -0.39
CA GLU A 146 -3.40 19.58 -0.56
C GLU A 146 -4.05 20.04 -1.84
N ALA A 147 -4.01 19.20 -2.90
CA ALA A 147 -4.56 19.51 -4.18
C ALA A 147 -6.08 19.51 -4.07
N VAL A 148 -6.65 18.49 -3.38
CA VAL A 148 -8.12 18.44 -3.23
C VAL A 148 -8.62 19.69 -2.48
N ARG A 149 -7.94 20.09 -1.40
CA ARG A 149 -8.35 21.29 -0.65
C ARG A 149 -8.44 22.54 -1.53
N ARG A 150 -7.63 22.61 -2.57
CA ARG A 150 -7.61 23.76 -3.47
C ARG A 150 -8.49 23.62 -4.69
N MSE A 151 -8.68 22.40 -5.20
CA MSE A 151 -9.43 22.28 -6.44
C MSE A 151 -10.89 21.92 -6.19
O MSE A 151 -11.71 22.07 -7.12
CB MSE A 151 -8.84 21.12 -7.26
CG MSE A 151 -7.43 21.56 -7.71
SE MSE A 151 -6.47 20.08 -8.66
CE MSE A 151 -7.17 18.64 -7.95
N SER A 152 -11.23 21.45 -5.00
CA SER A 152 -12.63 20.95 -4.81
C SER A 152 -13.70 22.03 -4.96
N ARG A 153 -14.75 21.69 -5.70
CA ARG A 153 -15.92 22.54 -5.76
C ARG A 153 -16.58 22.69 -4.40
N LEU A 154 -16.27 21.84 -3.44
CA LEU A 154 -16.83 22.04 -2.12
C LEU A 154 -16.18 23.24 -1.46
N TYR A 155 -15.00 23.69 -1.90
CA TYR A 155 -14.30 24.77 -1.20
C TYR A 155 -14.07 25.93 -2.15
N SER A 156 -15.04 26.25 -2.99
CA SER A 156 -14.77 27.38 -3.88
C SER A 156 -13.56 27.15 -4.86
N GLY A 157 -13.26 25.88 -5.17
CA GLY A 157 -12.36 25.56 -6.29
C GLY A 157 -13.19 25.38 -7.54
N GLN A 158 -12.54 25.15 -8.67
CA GLN A 158 -13.28 24.92 -9.91
C GLN A 158 -12.96 23.51 -10.46
N GLY A 159 -12.44 22.63 -9.62
CA GLY A 159 -12.23 21.22 -10.04
C GLY A 159 -10.80 21.08 -10.59
N GLY A 160 -10.41 19.84 -10.93
CA GLY A 160 -9.00 19.71 -11.36
C GLY A 160 -8.72 18.24 -11.61
N ALA A 161 -7.46 17.92 -11.83
CA ALA A 161 -7.13 16.50 -12.07
C ALA A 161 -5.84 16.11 -11.35
N ILE A 162 -5.75 14.84 -10.94
CA ILE A 162 -4.59 14.36 -10.24
C ILE A 162 -4.16 13.10 -11.02
N VAL A 163 -2.87 12.93 -11.26
CA VAL A 163 -2.38 11.61 -11.77
C VAL A 163 -1.29 11.15 -10.83
N ASN A 164 -1.49 9.94 -10.29
CA ASN A 164 -0.49 9.31 -9.45
C ASN A 164 0.41 8.40 -10.29
N VAL A 165 1.67 8.27 -9.91
CA VAL A 165 2.56 7.35 -10.64
C VAL A 165 2.72 6.10 -9.80
N SER A 166 2.25 5.00 -10.35
CA SER A 166 2.35 3.73 -9.71
C SER A 166 3.50 2.98 -10.39
N SER A 167 3.35 1.66 -10.67
CA SER A 167 4.45 0.92 -11.34
C SER A 167 3.88 -0.43 -11.68
N MSE A 168 4.41 -1.10 -12.73
CA MSE A 168 4.03 -2.50 -12.99
C MSE A 168 4.42 -3.41 -11.81
O MSE A 168 3.88 -4.53 -11.69
CB MSE A 168 4.70 -3.05 -14.27
CG MSE A 168 4.12 -2.39 -15.56
SE MSE A 168 2.20 -2.68 -15.67
CE MSE A 168 2.02 -4.66 -15.71
N ALA A 169 5.32 -2.95 -10.94
CA ALA A 169 5.65 -3.68 -9.70
C ALA A 169 4.40 -3.95 -8.84
N ALA A 170 3.46 -3.01 -8.85
CA ALA A 170 2.18 -3.17 -8.12
C ALA A 170 1.42 -4.42 -8.54
N ILE A 171 1.65 -4.85 -9.79
CA ILE A 171 0.98 -6.02 -10.33
C ILE A 171 1.90 -7.22 -10.20
N LEU A 172 3.18 -7.05 -10.52
CA LEU A 172 4.13 -8.20 -10.63
C LEU A 172 4.70 -8.61 -9.28
N GLY A 173 4.83 -7.69 -8.35
CA GLY A 173 5.30 -8.10 -6.99
C GLY A 173 6.80 -7.87 -6.62
N SER A 174 7.70 -7.75 -7.61
CA SER A 174 9.17 -7.46 -7.37
C SER A 174 9.85 -8.47 -6.41
N ALA A 175 9.51 -9.73 -6.56
CA ALA A 175 10.09 -10.77 -5.75
C ALA A 175 11.62 -10.75 -5.81
N THR A 176 12.23 -10.96 -4.65
CA THR A 176 13.69 -10.93 -4.45
C THR A 176 14.37 -9.56 -4.75
N GLN A 177 13.62 -8.49 -5.03
CA GLN A 177 14.21 -7.19 -5.26
C GLN A 177 13.64 -6.16 -4.31
N TYR A 178 12.35 -5.87 -4.45
CA TYR A 178 11.78 -4.87 -3.49
C TYR A 178 10.30 -5.03 -3.46
N VAL A 179 9.88 -6.15 -2.87
CA VAL A 179 8.46 -6.36 -2.58
C VAL A 179 7.90 -5.15 -1.81
N ASP A 180 8.71 -4.50 -0.98
CA ASP A 180 8.27 -3.26 -0.26
C ASP A 180 7.85 -2.14 -1.23
N TYR A 181 8.63 -1.95 -2.28
CA TYR A 181 8.32 -0.98 -3.30
C TYR A 181 6.99 -1.41 -4.02
N ALA A 182 6.91 -2.68 -4.43
CA ALA A 182 5.73 -3.16 -5.13
C ALA A 182 4.44 -2.88 -4.25
N ALA A 183 4.52 -3.26 -2.97
CA ALA A 183 3.38 -2.98 -2.02
C ALA A 183 3.04 -1.48 -1.97
N SER A 184 4.07 -0.65 -1.92
CA SER A 184 3.90 0.78 -1.82
C SER A 184 3.15 1.27 -3.09
N LYS A 185 3.45 0.69 -4.25
CA LYS A 185 2.78 1.13 -5.48
C LYS A 185 1.34 0.52 -5.59
N ALA A 186 1.12 -0.66 -5.00
CA ALA A 186 -0.26 -1.20 -4.96
C ALA A 186 -1.13 -0.31 -4.08
N ALA A 187 -0.54 0.20 -3.00
CA ALA A 187 -1.26 1.15 -2.13
C ALA A 187 -1.67 2.36 -2.95
N ILE A 188 -0.76 2.85 -3.83
CA ILE A 188 -1.12 3.97 -4.77
C ILE A 188 -2.29 3.60 -5.72
N ASP A 189 -2.29 2.39 -6.29
CA ASP A 189 -3.43 2.00 -7.10
C ASP A 189 -4.79 2.13 -6.38
N THR A 190 -4.88 1.60 -5.18
CA THR A 190 -6.19 1.63 -4.51
C THR A 190 -6.48 3.02 -3.92
N PHE A 191 -5.41 3.72 -3.53
CA PHE A 191 -5.55 5.14 -3.10
C PHE A 191 -6.18 5.94 -4.28
N THR A 192 -5.69 5.65 -5.48
CA THR A 192 -6.27 6.24 -6.70
C THR A 192 -7.74 5.93 -6.85
N ILE A 193 -8.08 4.65 -6.79
CA ILE A 193 -9.50 4.20 -6.97
C ILE A 193 -10.43 4.89 -5.89
N GLY A 194 -10.00 4.84 -4.64
CA GLY A 194 -10.88 5.29 -3.48
C GLY A 194 -10.98 6.81 -3.47
N LEU A 195 -9.84 7.48 -3.68
CA LEU A 195 -9.90 8.96 -3.76
C LEU A 195 -10.78 9.40 -4.96
N ALA A 196 -10.60 8.75 -6.13
CA ALA A 196 -11.40 9.07 -7.31
C ALA A 196 -12.91 8.97 -6.94
N ARG A 197 -13.33 7.89 -6.29
CA ARG A 197 -14.80 7.80 -5.95
C ARG A 197 -15.17 8.86 -4.87
N GLU A 198 -14.25 9.15 -4.00
CA GLU A 198 -14.48 10.16 -2.95
C GLU A 198 -14.70 11.57 -3.53
N VAL A 199 -13.98 11.95 -4.58
CA VAL A 199 -14.01 13.39 -5.00
C VAL A 199 -14.53 13.58 -6.44
N ALA A 200 -14.98 12.51 -7.05
CA ALA A 200 -15.59 12.60 -8.41
C ALA A 200 -16.74 13.66 -8.53
N ALA A 201 -17.67 13.68 -7.59
CA ALA A 201 -18.82 14.60 -7.72
C ALA A 201 -18.40 16.10 -7.57
N GLU A 202 -17.32 16.35 -6.84
CA GLU A 202 -16.75 17.69 -6.58
C GLU A 202 -15.83 18.25 -7.68
N GLY A 203 -15.78 17.57 -8.80
CA GLY A 203 -15.14 18.08 -9.99
C GLY A 203 -13.65 17.70 -10.08
N ILE A 204 -13.19 16.73 -9.30
CA ILE A 204 -11.74 16.30 -9.36
C ILE A 204 -11.67 14.89 -9.96
N ARG A 205 -10.87 14.70 -10.98
CA ARG A 205 -10.59 13.35 -11.48
C ARG A 205 -9.29 12.79 -10.91
N VAL A 206 -9.22 11.51 -10.65
CA VAL A 206 -8.01 10.99 -10.03
C VAL A 206 -7.70 9.69 -10.78
N ASN A 207 -6.52 9.62 -11.42
CA ASN A 207 -6.13 8.39 -12.18
C ASN A 207 -4.68 8.11 -11.91
N ALA A 208 -4.19 6.96 -12.42
CA ALA A 208 -2.78 6.65 -12.23
C ALA A 208 -2.25 5.98 -13.48
N VAL A 209 -0.93 5.97 -13.60
CA VAL A 209 -0.26 5.18 -14.62
C VAL A 209 0.68 4.16 -13.93
N ARG A 210 0.95 3.01 -14.59
CA ARG A 210 1.85 1.99 -14.12
C ARG A 210 2.93 1.86 -15.17
N PRO A 211 4.00 2.62 -15.00
CA PRO A 211 5.12 2.53 -15.97
C PRO A 211 5.80 1.17 -15.81
N GLY A 212 6.35 0.62 -16.89
CA GLY A 212 7.02 -0.70 -16.84
C GLY A 212 8.48 -0.31 -16.77
N ILE A 213 9.29 -0.85 -17.70
CA ILE A 213 10.75 -0.56 -17.73
C ILE A 213 11.02 0.68 -18.55
N ILE A 214 11.44 1.77 -17.89
CA ILE A 214 11.60 3.09 -18.56
C ILE A 214 13.09 3.53 -18.60
N GLU A 215 13.59 3.99 -19.75
CA GLU A 215 15.01 4.44 -19.83
C GLU A 215 15.16 5.62 -18.87
N SER A 234 11.58 -9.27 -20.56
CA SER A 234 10.23 -9.86 -20.56
C SER A 234 9.18 -8.90 -21.17
N VAL A 235 9.62 -7.85 -21.85
CA VAL A 235 8.68 -6.86 -22.41
C VAL A 235 8.30 -7.22 -23.87
N PRO A 236 7.00 -7.44 -24.12
CA PRO A 236 6.61 -7.77 -25.48
C PRO A 236 7.09 -6.79 -26.56
N MSE A 237 7.04 -5.48 -26.31
CA MSE A 237 7.49 -4.56 -27.35
C MSE A 237 9.03 -4.59 -27.55
O MSE A 237 9.51 -3.92 -28.43
CB MSE A 237 7.02 -3.13 -27.09
CG MSE A 237 5.53 -2.97 -27.52
SE MSE A 237 4.99 -1.03 -27.25
CE MSE A 237 6.48 -0.23 -28.10
N GLN A 238 9.80 -5.32 -26.72
CA GLN A 238 11.27 -5.54 -26.99
C GLN A 238 12.18 -4.39 -26.61
N ARG A 239 11.66 -3.38 -25.91
CA ARG A 239 12.50 -2.25 -25.56
C ARG A 239 11.94 -1.60 -24.30
N ALA A 240 12.80 -0.80 -23.66
CA ALA A 240 12.43 0.07 -22.56
C ALA A 240 11.55 1.21 -23.16
N GLY A 241 10.71 1.82 -22.30
CA GLY A 241 9.94 2.97 -22.76
C GLY A 241 10.73 4.24 -22.48
N MSE A 242 10.41 5.31 -23.19
CA MSE A 242 11.06 6.58 -22.96
C MSE A 242 10.22 7.33 -21.96
O MSE A 242 9.00 7.20 -21.95
CB MSE A 242 11.08 7.43 -24.23
CG MSE A 242 11.80 6.64 -25.30
SE MSE A 242 11.74 7.74 -26.96
CE MSE A 242 9.93 7.75 -27.65
N PRO A 243 10.86 8.16 -21.12
CA PRO A 243 10.13 9.02 -20.17
C PRO A 243 9.06 9.83 -20.88
N GLU A 244 9.33 10.30 -22.12
CA GLU A 244 8.33 11.05 -22.90
C GLU A 244 7.04 10.25 -23.15
N GLU A 245 7.18 8.96 -23.21
CA GLU A 245 6.01 8.11 -23.49
C GLU A 245 5.17 7.96 -22.25
N VAL A 246 5.82 7.86 -21.10
CA VAL A 246 5.06 7.93 -19.85
C VAL A 246 4.37 9.32 -19.72
N ALA A 247 5.09 10.40 -20.00
CA ALA A 247 4.51 11.77 -19.92
C ALA A 247 3.28 11.95 -20.81
N ASP A 248 3.32 11.39 -22.05
CA ASP A 248 2.20 11.45 -22.98
C ASP A 248 0.95 10.88 -22.31
N ALA A 249 1.10 9.74 -21.63
CA ALA A 249 -0.06 9.13 -20.96
C ALA A 249 -0.56 9.95 -19.74
N ILE A 250 0.38 10.45 -18.95
CA ILE A 250 0.08 11.22 -17.78
C ILE A 250 -0.67 12.50 -18.25
N LEU A 251 -0.14 13.19 -19.27
CA LEU A 251 -0.85 14.42 -19.76
C LEU A 251 -2.21 14.09 -20.34
N TYR A 252 -2.34 12.95 -21.02
CA TYR A 252 -3.69 12.53 -21.47
C TYR A 252 -4.66 12.50 -20.28
N LEU A 253 -4.27 11.77 -19.24
CA LEU A 253 -5.17 11.59 -18.08
C LEU A 253 -5.38 12.84 -17.30
N LEU A 254 -4.42 13.75 -17.39
CA LEU A 254 -4.62 15.11 -16.85
C LEU A 254 -5.54 16.02 -17.65
N SER A 255 -5.78 15.70 -18.91
CA SER A 255 -6.39 16.65 -19.87
C SER A 255 -7.94 16.53 -19.91
N PRO A 256 -8.60 17.50 -20.56
CA PRO A 256 -10.05 17.45 -20.76
C PRO A 256 -10.46 16.39 -21.77
N SER A 257 -9.54 15.81 -22.56
CA SER A 257 -9.92 14.61 -23.34
C SER A 257 -10.04 13.30 -22.51
N ALA A 258 -9.98 13.40 -21.19
CA ALA A 258 -10.19 12.24 -20.31
C ALA A 258 -11.31 12.66 -19.32
N SER A 259 -12.28 13.43 -19.81
CA SER A 259 -13.31 14.02 -18.94
C SER A 259 -14.25 13.03 -18.20
N TYR A 260 -14.39 11.83 -18.79
CA TYR A 260 -15.15 10.74 -18.15
C TYR A 260 -14.28 9.58 -17.54
N VAL A 261 -12.99 9.82 -17.45
CA VAL A 261 -12.02 8.87 -16.96
C VAL A 261 -11.67 9.30 -15.57
N THR A 262 -12.06 8.51 -14.58
CA THR A 262 -11.56 8.75 -13.22
C THR A 262 -11.56 7.43 -12.44
N GLY A 263 -10.55 7.22 -11.61
CA GLY A 263 -10.50 5.97 -10.91
C GLY A 263 -9.83 4.91 -11.82
N SER A 264 -9.27 5.31 -12.95
CA SER A 264 -8.61 4.36 -13.86
C SER A 264 -7.11 4.30 -13.67
N ILE A 265 -6.51 3.18 -14.10
CA ILE A 265 -5.08 3.01 -13.92
C ILE A 265 -4.57 2.42 -15.23
N LEU A 266 -3.72 3.19 -15.93
CA LEU A 266 -3.29 2.91 -17.28
C LEU A 266 -1.86 2.36 -17.25
N ASN A 267 -1.69 1.12 -17.67
CA ASN A 267 -0.32 0.56 -17.79
C ASN A 267 0.44 1.21 -18.97
N VAL A 268 1.67 1.60 -18.71
CA VAL A 268 2.51 2.17 -19.77
C VAL A 268 3.78 1.28 -19.80
N SER A 269 3.66 0.08 -20.37
CA SER A 269 4.64 -0.95 -20.02
C SER A 269 5.07 -1.77 -21.23
N GLY A 270 4.64 -1.38 -22.43
CA GLY A 270 5.09 -2.11 -23.65
C GLY A 270 4.53 -3.54 -23.66
N GLY A 271 3.40 -3.74 -22.94
CA GLY A 271 2.77 -5.03 -22.91
C GLY A 271 3.09 -5.88 -21.69
N ARG A 272 4.03 -5.42 -20.89
CA ARG A 272 4.36 -6.09 -19.70
C ARG A 272 3.22 -5.89 -18.67
N THR B 26 3.16 -32.00 15.79
CA THR B 26 1.94 -31.15 15.89
C THR B 26 2.18 -29.71 15.36
N PRO B 27 1.45 -29.27 14.30
CA PRO B 27 1.81 -27.94 13.76
C PRO B 27 1.50 -26.75 14.68
N VAL B 28 2.27 -25.66 14.51
CA VAL B 28 2.17 -24.46 15.37
C VAL B 28 1.85 -23.25 14.48
N VAL B 29 0.93 -22.40 14.95
CA VAL B 29 0.57 -21.22 14.17
C VAL B 29 0.59 -20.07 15.15
N LEU B 30 1.19 -18.96 14.74
CA LEU B 30 1.05 -17.72 15.51
C LEU B 30 -0.01 -16.90 14.80
N VAL B 31 -0.97 -16.45 15.59
CA VAL B 31 -2.01 -15.54 15.09
C VAL B 31 -1.84 -14.14 15.69
N THR B 32 -1.49 -13.14 14.86
CA THR B 32 -1.36 -11.77 15.40
C THR B 32 -2.76 -11.18 15.60
N GLY B 33 -2.91 -10.36 16.64
CA GLY B 33 -4.23 -9.77 16.98
C GLY B 33 -5.24 -10.91 17.15
N GLY B 34 -4.90 -11.90 17.95
CA GLY B 34 -5.80 -13.07 18.13
C GLY B 34 -6.85 -12.94 19.20
N SER B 35 -7.00 -11.76 19.78
CA SER B 35 -7.85 -11.60 21.01
C SER B 35 -9.32 -11.65 20.77
N ARG B 36 -9.73 -11.26 19.56
CA ARG B 36 -11.13 -10.95 19.32
C ARG B 36 -11.47 -11.23 17.83
N GLY B 37 -12.76 -11.23 17.47
CA GLY B 37 -13.11 -11.09 16.05
C GLY B 37 -12.49 -12.22 15.24
N ILE B 38 -12.10 -11.94 14.00
CA ILE B 38 -11.58 -13.00 13.10
C ILE B 38 -10.39 -13.73 13.74
N GLY B 39 -9.54 -12.95 14.40
CA GLY B 39 -8.25 -13.50 14.95
C GLY B 39 -8.61 -14.55 16.03
N ALA B 40 -9.55 -14.25 16.91
CA ALA B 40 -9.95 -15.23 17.94
C ALA B 40 -10.65 -16.42 17.31
N ALA B 41 -11.47 -16.19 16.26
CA ALA B 41 -12.05 -17.32 15.53
C ALA B 41 -10.97 -18.20 14.89
N VAL B 42 -9.90 -17.59 14.36
CA VAL B 42 -8.86 -18.42 13.73
C VAL B 42 -8.17 -19.27 14.84
N CYS B 43 -7.87 -18.64 15.99
CA CYS B 43 -7.26 -19.41 17.10
C CYS B 43 -8.12 -20.61 17.52
N ARG B 44 -9.42 -20.39 17.73
CA ARG B 44 -10.27 -21.46 18.18
C ARG B 44 -10.34 -22.60 17.19
N LEU B 45 -10.49 -22.27 15.90
CA LEU B 45 -10.63 -23.28 14.88
C LEU B 45 -9.29 -24.01 14.65
N ALA B 46 -8.18 -23.26 14.65
CA ALA B 46 -6.87 -23.92 14.48
C ALA B 46 -6.68 -24.97 15.61
N ALA B 47 -6.98 -24.59 16.85
CA ALA B 47 -6.84 -25.61 17.92
C ALA B 47 -7.78 -26.82 17.66
N ARG B 48 -9.05 -26.58 17.27
CA ARG B 48 -9.98 -27.66 16.95
C ARG B 48 -9.44 -28.58 15.85
N GLN B 49 -8.67 -28.02 14.91
CA GLN B 49 -8.14 -28.82 13.83
C GLN B 49 -6.76 -29.37 14.13
N GLY B 50 -6.31 -29.26 15.39
CA GLY B 50 -5.08 -29.97 15.82
C GLY B 50 -3.79 -29.12 15.82
N TRP B 51 -3.91 -27.79 15.67
CA TRP B 51 -2.75 -26.91 15.75
C TRP B 51 -2.49 -26.49 17.18
N ARG B 52 -1.23 -26.21 17.50
CA ARG B 52 -0.87 -25.52 18.77
C ARG B 52 -0.88 -24.05 18.42
N VAL B 53 -1.31 -23.18 19.32
CA VAL B 53 -1.63 -21.84 18.83
C VAL B 53 -1.04 -20.75 19.72
N GLY B 54 -0.37 -19.78 19.11
CA GLY B 54 0.07 -18.59 19.86
C GLY B 54 -0.92 -17.48 19.61
N VAL B 55 -1.55 -17.02 20.68
CA VAL B 55 -2.65 -16.08 20.57
C VAL B 55 -2.04 -14.73 20.92
N ASN B 56 -1.68 -13.92 19.91
CA ASN B 56 -1.02 -12.63 20.18
C ASN B 56 -2.02 -11.53 20.52
N TYR B 57 -1.66 -10.67 21.47
CA TYR B 57 -2.52 -9.57 21.91
C TYR B 57 -1.62 -8.31 22.01
N ALA B 58 -2.15 -7.14 21.61
CA ALA B 58 -1.33 -5.91 21.55
C ALA B 58 -1.36 -5.07 22.80
N ALA B 59 -2.44 -5.12 23.56
CA ALA B 59 -2.54 -4.27 24.74
C ALA B 59 -3.09 -5.08 25.94
N ASN B 60 -4.32 -4.85 26.37
CA ASN B 60 -4.78 -5.50 27.60
C ASN B 60 -4.87 -7.02 27.28
N ARG B 61 -4.43 -7.87 28.20
CA ARG B 61 -4.32 -9.33 27.93
C ARG B 61 -5.61 -10.14 28.15
N GLU B 62 -6.60 -9.53 28.77
CA GLU B 62 -7.67 -10.37 29.31
C GLU B 62 -8.45 -11.15 28.27
N ALA B 63 -8.79 -10.50 27.15
CA ALA B 63 -9.54 -11.23 26.08
C ALA B 63 -8.69 -12.37 25.51
N ALA B 64 -7.39 -12.13 25.31
CA ALA B 64 -6.55 -13.23 24.80
C ALA B 64 -6.48 -14.36 25.79
N ASP B 65 -6.35 -14.00 27.08
CA ASP B 65 -6.32 -15.07 28.12
C ASP B 65 -7.58 -15.92 28.09
N ALA B 66 -8.75 -15.32 27.82
CA ALA B 66 -10.02 -16.09 27.76
C ALA B 66 -10.06 -17.02 26.54
N VAL B 67 -9.54 -16.52 25.41
CA VAL B 67 -9.43 -17.38 24.18
C VAL B 67 -8.57 -18.59 24.51
N VAL B 68 -7.38 -18.31 25.15
CA VAL B 68 -6.47 -19.41 25.60
C VAL B 68 -7.15 -20.40 26.53
N ALA B 69 -7.85 -19.90 27.54
CA ALA B 69 -8.48 -20.80 28.52
C ALA B 69 -9.54 -21.67 27.80
N ALA B 70 -10.34 -21.09 26.87
CA ALA B 70 -11.36 -21.91 26.24
C ALA B 70 -10.68 -22.99 25.39
N ILE B 71 -9.55 -22.68 24.78
CA ILE B 71 -8.80 -23.67 23.99
C ILE B 71 -8.26 -24.78 24.95
N THR B 72 -7.62 -24.32 26.02
CA THR B 72 -7.06 -25.21 27.07
C THR B 72 -8.11 -26.15 27.65
N GLU B 73 -9.24 -25.60 28.08
CA GLU B 73 -10.28 -26.41 28.68
C GLU B 73 -10.91 -27.37 27.69
N SER B 74 -10.89 -27.05 26.38
CA SER B 74 -11.30 -28.00 25.31
C SER B 74 -10.29 -29.07 25.07
N GLY B 75 -9.12 -28.98 25.66
CA GLY B 75 -8.12 -29.96 25.30
C GLY B 75 -7.14 -29.53 24.21
N GLY B 76 -7.15 -28.24 23.83
CA GLY B 76 -6.13 -27.74 22.90
C GLY B 76 -4.88 -27.18 23.61
N GLU B 77 -3.88 -26.74 22.85
CA GLU B 77 -2.69 -26.12 23.45
C GLU B 77 -2.55 -24.75 22.86
N ALA B 78 -2.51 -23.74 23.72
CA ALA B 78 -2.34 -22.34 23.25
C ALA B 78 -1.62 -21.56 24.31
N VAL B 79 -0.90 -20.47 23.96
CA VAL B 79 -0.42 -19.49 24.95
C VAL B 79 -0.74 -18.10 24.41
N ALA B 80 -0.95 -17.17 25.33
CA ALA B 80 -1.16 -15.76 25.05
C ALA B 80 0.23 -15.07 24.99
N ILE B 81 0.49 -14.32 23.92
CA ILE B 81 1.80 -13.75 23.66
C ILE B 81 1.64 -12.24 23.44
N PRO B 82 2.29 -11.41 24.27
CA PRO B 82 2.11 -9.97 24.14
C PRO B 82 2.86 -9.42 22.92
N GLY B 83 2.56 -8.18 22.54
CA GLY B 83 3.31 -7.57 21.43
C GLY B 83 2.38 -6.86 20.48
N ASP B 84 2.72 -5.61 20.21
CA ASP B 84 2.00 -4.78 19.25
C ASP B 84 2.79 -4.80 17.94
N VAL B 85 2.18 -5.31 16.86
CA VAL B 85 2.86 -5.33 15.54
C VAL B 85 3.23 -3.93 15.02
N GLY B 86 2.58 -2.89 15.53
CA GLY B 86 2.99 -1.51 15.18
C GLY B 86 4.24 -1.01 15.91
N ASN B 87 4.80 -1.85 16.80
CA ASN B 87 6.11 -1.57 17.45
C ASN B 87 7.10 -2.60 17.02
N ALA B 88 7.99 -2.19 16.12
CA ALA B 88 8.95 -3.08 15.53
C ALA B 88 9.75 -3.76 16.62
N ALA B 89 9.91 -3.06 17.74
CA ALA B 89 10.73 -3.60 18.80
C ALA B 89 10.04 -4.77 19.53
N ASP B 90 8.75 -5.01 19.27
CA ASP B 90 7.97 -6.05 20.01
C ASP B 90 7.98 -7.34 19.25
N ILE B 91 8.35 -7.27 17.96
CA ILE B 91 8.04 -8.35 17.08
C ILE B 91 8.98 -9.53 17.33
N ALA B 92 10.27 -9.26 17.52
CA ALA B 92 11.22 -10.37 17.71
C ALA B 92 10.79 -11.23 18.92
N ALA B 93 10.37 -10.57 19.98
CA ALA B 93 10.09 -11.33 21.22
C ALA B 93 8.79 -12.17 21.08
N MSE B 94 7.82 -11.69 20.25
CA MSE B 94 6.61 -12.47 19.99
C MSE B 94 6.99 -13.81 19.37
O MSE B 94 6.45 -14.84 19.79
CB MSE B 94 5.62 -11.77 19.04
CG MSE B 94 5.03 -10.46 19.57
SE MSE B 94 4.20 -9.51 17.99
CE MSE B 94 3.47 -11.13 17.25
N PHE B 95 7.84 -13.80 18.34
CA PHE B 95 8.35 -15.04 17.74
C PHE B 95 9.29 -15.90 18.60
N SER B 96 10.18 -15.25 19.36
CA SER B 96 10.94 -16.03 20.40
C SER B 96 10.04 -16.80 21.38
N ALA B 97 9.00 -16.14 21.84
CA ALA B 97 8.04 -16.82 22.73
C ALA B 97 7.46 -18.11 22.13
N VAL B 98 7.06 -18.03 20.84
CA VAL B 98 6.65 -19.21 20.08
C VAL B 98 7.71 -20.30 20.08
N ASP B 99 8.92 -19.93 19.69
CA ASP B 99 10.09 -20.80 19.63
C ASP B 99 10.26 -21.57 20.95
N ARG B 100 10.28 -20.83 22.04
CA ARG B 100 10.48 -21.46 23.37
C ARG B 100 9.32 -22.30 23.83
N GLN B 101 8.07 -21.87 23.55
CA GLN B 101 6.93 -22.59 24.02
C GLN B 101 6.80 -23.92 23.23
N PHE B 102 6.90 -23.82 21.92
CA PHE B 102 6.48 -24.90 21.01
C PHE B 102 7.58 -25.50 20.15
N GLY B 103 8.69 -24.78 19.98
CA GLY B 103 9.91 -25.36 19.38
C GLY B 103 9.84 -25.41 17.85
N ARG B 104 8.78 -24.87 17.25
CA ARG B 104 8.67 -24.85 15.77
C ARG B 104 7.63 -23.83 15.31
N LEU B 105 7.67 -23.47 14.02
CA LEU B 105 6.60 -22.57 13.52
C LEU B 105 6.09 -23.05 12.15
N ASP B 106 4.82 -23.36 12.03
CA ASP B 106 4.37 -23.88 10.70
C ASP B 106 3.45 -22.90 9.98
N GLY B 107 2.90 -21.99 10.76
CA GLY B 107 1.94 -21.08 10.22
C GLY B 107 2.03 -19.73 10.83
N LEU B 108 1.77 -18.72 9.99
CA LEU B 108 1.56 -17.38 10.56
C LEU B 108 0.30 -16.78 9.94
N VAL B 109 -0.56 -16.22 10.77
CA VAL B 109 -1.68 -15.42 10.29
C VAL B 109 -1.51 -13.99 10.72
N ASN B 110 -1.30 -13.15 9.72
CA ASN B 110 -1.17 -11.70 9.90
C ASN B 110 -2.54 -11.08 9.95
N ASN B 111 -3.14 -11.14 11.13
CA ASN B 111 -4.50 -10.64 11.35
C ASN B 111 -4.53 -9.27 12.05
N ALA B 112 -3.48 -8.94 12.80
CA ALA B 112 -3.46 -7.64 13.52
C ALA B 112 -3.58 -6.49 12.55
N GLY B 113 -4.44 -5.53 12.89
CA GLY B 113 -4.62 -4.41 11.98
C GLY B 113 -5.44 -3.36 12.68
N ILE B 114 -5.52 -2.15 12.12
CA ILE B 114 -6.40 -1.13 12.67
C ILE B 114 -7.24 -0.51 11.57
N VAL B 115 -8.34 0.11 11.99
CA VAL B 115 -9.11 0.99 11.16
C VAL B 115 -9.05 2.34 11.87
N ASP B 116 -9.65 3.37 11.30
CA ASP B 116 -9.74 4.61 12.04
C ASP B 116 -11.16 5.15 11.83
N TYR B 117 -11.44 6.32 12.39
CA TYR B 117 -12.78 6.87 12.25
C TYR B 117 -12.90 7.33 10.79
N PRO B 118 -14.11 7.30 10.26
CA PRO B 118 -14.35 7.72 8.86
C PRO B 118 -14.05 9.19 8.69
N GLN B 119 -13.23 9.47 7.70
CA GLN B 119 -12.85 10.82 7.30
C GLN B 119 -12.58 10.79 5.82
N ARG B 120 -12.76 11.95 5.17
CA ARG B 120 -12.22 12.15 3.84
C ARG B 120 -10.69 12.22 3.87
N VAL B 121 -10.07 11.89 2.74
CA VAL B 121 -8.61 12.07 2.61
C VAL B 121 -8.18 13.53 2.94
N ASP B 122 -8.96 14.50 2.52
CA ASP B 122 -8.53 15.88 2.79
C ASP B 122 -8.65 16.32 4.25
N GLU B 123 -9.06 15.41 5.11
CA GLU B 123 -9.27 15.68 6.54
C GLU B 123 -8.24 14.92 7.38
N MSE B 124 -7.49 13.99 6.75
CA MSE B 124 -6.68 13.03 7.54
C MSE B 124 -5.41 13.71 8.00
O MSE B 124 -4.85 14.46 7.25
CB MSE B 124 -6.27 11.80 6.67
CG MSE B 124 -7.56 11.05 6.28
SE MSE B 124 -6.90 9.57 5.10
CE MSE B 124 -8.74 8.89 4.85
N SER B 125 -4.90 13.42 9.19
CA SER B 125 -3.58 13.94 9.60
C SER B 125 -2.46 13.01 9.16
N VAL B 126 -1.23 13.51 9.15
CA VAL B 126 -0.10 12.65 8.77
C VAL B 126 0.07 11.55 9.82
N GLU B 127 -0.18 11.86 11.09
CA GLU B 127 -0.14 10.89 12.19
C GLU B 127 -1.05 9.68 11.87
N ARG B 128 -2.27 9.98 11.42
CA ARG B 128 -3.27 8.91 11.14
C ARG B 128 -2.71 8.01 10.00
N ILE B 129 -2.19 8.66 8.96
CA ILE B 129 -1.73 7.89 7.78
C ILE B 129 -0.51 7.07 8.11
N GLU B 130 0.44 7.68 8.79
CA GLU B 130 1.66 6.96 9.17
C GLU B 130 1.39 5.72 10.04
N ARG B 131 0.49 5.88 10.97
CA ARG B 131 0.13 4.80 11.88
C ARG B 131 -0.63 3.68 11.15
N MSE B 132 -1.55 4.04 10.26
CA MSE B 132 -2.30 3.04 9.49
C MSE B 132 -1.25 2.19 8.74
O MSE B 132 -1.33 0.96 8.75
CB MSE B 132 -3.19 3.84 8.50
CG MSE B 132 -4.05 2.91 7.66
SE MSE B 132 -5.52 2.19 8.84
CE MSE B 132 -6.65 3.78 9.03
N LEU B 133 -0.26 2.83 8.11
CA LEU B 133 0.73 2.07 7.32
C LEU B 133 1.66 1.26 8.24
N ARG B 134 2.07 1.86 9.35
CA ARG B 134 3.03 1.14 10.21
C ARG B 134 2.39 -0.11 10.78
N VAL B 135 1.13 0.01 11.16
CA VAL B 135 0.44 -1.14 11.80
C VAL B 135 0.05 -2.17 10.75
N ASN B 136 -0.68 -1.71 9.72
CA ASN B 136 -1.25 -2.69 8.76
C ASN B 136 -0.22 -3.24 7.74
N VAL B 137 0.74 -2.45 7.35
CA VAL B 137 1.72 -2.91 6.34
C VAL B 137 3.04 -3.31 6.95
N THR B 138 3.80 -2.34 7.46
CA THR B 138 5.10 -2.70 8.10
C THR B 138 4.93 -3.85 9.16
N GLY B 139 3.93 -3.75 10.00
CA GLY B 139 3.67 -4.82 10.99
C GLY B 139 3.56 -6.22 10.34
N SER B 140 2.74 -6.30 9.28
CA SER B 140 2.62 -7.59 8.63
C SER B 140 3.92 -8.00 7.92
N ILE B 141 4.61 -7.02 7.32
CA ILE B 141 5.86 -7.36 6.61
C ILE B 141 6.89 -7.88 7.61
N LEU B 142 7.04 -7.18 8.74
CA LEU B 142 8.09 -7.60 9.72
C LEU B 142 7.76 -8.97 10.30
N CYS B 143 6.46 -9.25 10.54
CA CYS B 143 6.10 -10.59 11.13
C CYS B 143 6.36 -11.69 10.09
N ALA B 144 6.00 -11.40 8.84
CA ALA B 144 6.27 -12.39 7.78
C ALA B 144 7.79 -12.66 7.65
N ALA B 145 8.60 -11.63 7.82
CA ALA B 145 10.09 -11.79 7.73
C ALA B 145 10.58 -12.75 8.82
N GLU B 146 10.10 -12.52 10.03
CA GLU B 146 10.43 -13.44 11.15
C GLU B 146 10.01 -14.87 10.83
N ALA B 147 8.82 -15.01 10.27
CA ALA B 147 8.33 -16.37 9.97
C ALA B 147 9.20 -17.00 8.87
N VAL B 148 9.51 -16.21 7.83
CA VAL B 148 10.36 -16.68 6.72
C VAL B 148 11.73 -17.14 7.26
N ARG B 149 12.29 -16.39 8.18
CA ARG B 149 13.57 -16.71 8.76
C ARG B 149 13.56 -18.09 9.47
N ARG B 150 12.45 -18.44 10.07
CA ARG B 150 12.27 -19.76 10.70
C ARG B 150 11.88 -20.88 9.77
N MSE B 151 11.02 -20.62 8.79
CA MSE B 151 10.43 -21.71 8.02
C MSE B 151 11.16 -22.06 6.79
O MSE B 151 11.02 -23.19 6.31
CB MSE B 151 9.01 -21.31 7.54
CG MSE B 151 8.06 -21.08 8.72
SE MSE B 151 6.37 -20.31 7.98
CE MSE B 151 6.78 -19.31 6.65
N SER B 152 11.92 -21.12 6.23
CA SER B 152 12.55 -21.33 4.95
C SER B 152 13.54 -22.53 4.96
N ARG B 153 13.45 -23.38 3.95
CA ARG B 153 14.49 -24.41 3.78
C ARG B 153 15.88 -23.82 3.48
N LEU B 154 15.98 -22.52 3.13
CA LEU B 154 17.30 -21.85 3.08
C LEU B 154 18.01 -21.87 4.44
N TYR B 155 17.29 -21.89 5.54
CA TYR B 155 17.93 -21.81 6.86
C TYR B 155 17.61 -23.07 7.64
N SER B 156 17.71 -24.26 7.03
CA SER B 156 17.13 -25.52 7.65
C SER B 156 15.74 -25.46 8.39
N GLY B 157 14.81 -24.65 7.90
CA GLY B 157 13.41 -24.77 8.38
C GLY B 157 12.82 -25.92 7.59
N GLN B 158 11.57 -26.33 7.84
CA GLN B 158 11.01 -27.32 6.90
C GLN B 158 9.82 -26.84 6.09
N GLY B 159 9.72 -25.52 5.91
CA GLY B 159 8.65 -24.94 5.12
C GLY B 159 7.51 -24.51 6.05
N GLY B 160 6.48 -23.92 5.45
CA GLY B 160 5.33 -23.45 6.25
C GLY B 160 4.35 -22.65 5.40
N ALA B 161 3.36 -22.03 6.03
CA ALA B 161 2.40 -21.22 5.34
C ALA B 161 2.13 -19.92 6.09
N ILE B 162 1.94 -18.85 5.30
CA ILE B 162 1.57 -17.55 5.85
C ILE B 162 0.23 -17.13 5.23
N VAL B 163 -0.70 -16.68 6.08
CA VAL B 163 -1.92 -16.03 5.52
C VAL B 163 -2.00 -14.59 6.01
N ASN B 164 -2.05 -13.65 5.07
CA ASN B 164 -2.25 -12.28 5.46
C ASN B 164 -3.75 -11.96 5.42
N VAL B 165 -4.20 -11.10 6.30
CA VAL B 165 -5.59 -10.63 6.28
C VAL B 165 -5.62 -9.26 5.59
N SER B 166 -6.24 -9.23 4.40
CA SER B 166 -6.45 -7.97 3.66
C SER B 166 -7.89 -7.49 3.92
N SER B 167 -8.63 -7.01 2.90
CA SER B 167 -10.00 -6.58 3.09
C SER B 167 -10.60 -6.28 1.71
N MSE B 168 -11.92 -6.35 1.58
CA MSE B 168 -12.55 -5.98 0.32
C MSE B 168 -12.26 -4.50 0.06
O MSE B 168 -12.41 -4.02 -1.08
CB MSE B 168 -14.08 -6.18 0.40
CG MSE B 168 -14.45 -7.66 0.16
SE MSE B 168 -13.61 -8.57 -1.38
CE MSE B 168 -14.25 -7.24 -2.73
N ALA B 169 -11.93 -3.74 1.12
CA ALA B 169 -11.56 -2.32 0.92
C ALA B 169 -10.43 -2.18 -0.10
N ALA B 170 -9.52 -3.15 -0.13
CA ALA B 170 -8.40 -3.12 -1.09
C ALA B 170 -8.89 -3.06 -2.51
N ILE B 171 -10.12 -3.57 -2.75
CA ILE B 171 -10.73 -3.55 -4.12
C ILE B 171 -11.62 -2.32 -4.21
N LEU B 172 -12.38 -2.05 -3.16
CA LEU B 172 -13.50 -1.07 -3.34
C LEU B 172 -13.12 0.40 -3.08
N GLY B 173 -12.14 0.62 -2.20
CA GLY B 173 -11.48 1.95 -2.07
C GLY B 173 -11.88 2.71 -0.80
N SER B 174 -13.01 2.34 -0.17
CA SER B 174 -13.51 2.97 1.13
C SER B 174 -13.67 4.49 1.04
N ALA B 175 -14.13 4.98 -0.13
CA ALA B 175 -14.31 6.40 -0.33
C ALA B 175 -15.18 7.02 0.78
N THR B 176 -14.70 8.15 1.26
CA THR B 176 -15.32 8.95 2.30
C THR B 176 -15.17 8.35 3.69
N GLN B 177 -14.55 7.16 3.84
CA GLN B 177 -14.38 6.55 5.15
C GLN B 177 -12.92 6.35 5.55
N TYR B 178 -12.26 5.49 4.81
CA TYR B 178 -10.84 5.28 5.11
C TYR B 178 -10.11 4.77 3.87
N VAL B 179 -9.97 5.68 2.93
CA VAL B 179 -9.15 5.36 1.74
C VAL B 179 -7.74 4.90 2.14
N ASP B 180 -7.27 5.48 3.22
CA ASP B 180 -5.97 5.10 3.78
C ASP B 180 -5.90 3.63 4.19
N TYR B 181 -6.89 3.20 4.94
CA TYR B 181 -7.02 1.75 5.24
C TYR B 181 -7.07 0.93 3.93
N ALA B 182 -7.87 1.38 2.94
CA ALA B 182 -8.02 0.58 1.72
C ALA B 182 -6.62 0.43 1.07
N ALA B 183 -5.89 1.54 1.01
CA ALA B 183 -4.54 1.54 0.38
C ALA B 183 -3.64 0.59 1.17
N SER B 184 -3.75 0.61 2.50
CA SER B 184 -2.90 -0.27 3.31
C SER B 184 -3.18 -1.73 2.98
N LYS B 185 -4.43 -2.10 2.68
CA LYS B 185 -4.71 -3.52 2.47
C LYS B 185 -4.37 -3.90 0.98
N ALA B 186 -4.42 -2.96 0.05
CA ALA B 186 -3.93 -3.27 -1.30
C ALA B 186 -2.44 -3.49 -1.25
N ALA B 187 -1.75 -2.72 -0.40
CA ALA B 187 -0.34 -2.99 -0.13
C ALA B 187 -0.12 -4.46 0.32
N ILE B 188 -0.96 -4.90 1.24
CA ILE B 188 -0.96 -6.33 1.67
C ILE B 188 -1.20 -7.29 0.50
N ASP B 189 -2.14 -6.94 -0.36
CA ASP B 189 -2.36 -7.81 -1.50
C ASP B 189 -1.08 -8.00 -2.31
N THR B 190 -0.41 -6.90 -2.64
CA THR B 190 0.79 -7.07 -3.50
C THR B 190 1.95 -7.65 -2.66
N PHE B 191 2.07 -7.26 -1.40
CA PHE B 191 3.05 -7.94 -0.54
C PHE B 191 2.87 -9.43 -0.61
N THR B 192 1.61 -9.86 -0.64
CA THR B 192 1.30 -11.31 -0.63
C THR B 192 1.81 -11.98 -1.88
N ILE B 193 1.59 -11.31 -3.01
CA ILE B 193 1.95 -11.81 -4.34
C ILE B 193 3.47 -11.90 -4.43
N GLY B 194 4.12 -10.83 -4.07
CA GLY B 194 5.60 -10.69 -4.28
C GLY B 194 6.36 -11.62 -3.33
N LEU B 195 5.94 -11.65 -2.07
CA LEU B 195 6.61 -12.52 -1.13
C LEU B 195 6.37 -14.01 -1.52
N ALA B 196 5.11 -14.38 -1.86
CA ALA B 196 4.84 -15.73 -2.41
C ALA B 196 5.86 -16.11 -3.49
N ARG B 197 6.06 -15.23 -4.49
CA ARG B 197 6.97 -15.54 -5.55
C ARG B 197 8.39 -15.60 -5.03
N GLU B 198 8.69 -14.76 -4.05
CA GLU B 198 10.04 -14.73 -3.48
C GLU B 198 10.42 -16.04 -2.77
N VAL B 199 9.48 -16.65 -2.04
CA VAL B 199 9.83 -17.79 -1.12
C VAL B 199 9.22 -19.14 -1.57
N ALA B 200 8.64 -19.15 -2.75
CA ALA B 200 7.94 -20.35 -3.27
C ALA B 200 8.90 -21.54 -3.36
N ALA B 201 10.13 -21.31 -3.84
CA ALA B 201 11.13 -22.39 -3.99
C ALA B 201 11.70 -22.88 -2.62
N GLU B 202 11.44 -22.16 -1.54
CA GLU B 202 11.99 -22.46 -0.21
C GLU B 202 11.03 -23.19 0.69
N GLY B 203 9.87 -23.57 0.14
CA GLY B 203 8.88 -24.39 0.85
C GLY B 203 7.87 -23.60 1.70
N ILE B 204 7.74 -22.30 1.37
CA ILE B 204 6.81 -21.45 2.10
C ILE B 204 5.72 -21.01 1.14
N ARG B 205 4.46 -21.07 1.59
CA ARG B 205 3.33 -20.60 0.75
C ARG B 205 2.83 -19.32 1.40
N VAL B 206 2.36 -18.36 0.58
CA VAL B 206 1.87 -17.08 1.15
C VAL B 206 0.58 -16.66 0.40
N ASN B 207 -0.51 -16.49 1.12
CA ASN B 207 -1.81 -16.20 0.51
C ASN B 207 -2.48 -15.20 1.39
N ALA B 208 -3.62 -14.67 0.95
CA ALA B 208 -4.33 -13.67 1.74
C ALA B 208 -5.80 -13.95 1.62
N VAL B 209 -6.58 -13.43 2.58
CA VAL B 209 -8.03 -13.38 2.40
C VAL B 209 -8.47 -11.92 2.40
N ARG B 210 -9.58 -11.60 1.72
CA ARG B 210 -10.19 -10.29 1.76
C ARG B 210 -11.61 -10.42 2.35
N PRO B 211 -11.75 -10.21 3.65
CA PRO B 211 -13.07 -10.26 4.28
C PRO B 211 -13.92 -9.09 3.80
N GLY B 212 -15.24 -9.32 3.64
CA GLY B 212 -16.14 -8.23 3.34
C GLY B 212 -16.68 -7.69 4.67
N ILE B 213 -18.02 -7.64 4.84
CA ILE B 213 -18.68 -7.11 6.06
C ILE B 213 -18.82 -8.28 7.01
N ILE B 214 -18.12 -8.21 8.13
CA ILE B 214 -18.11 -9.33 9.08
C ILE B 214 -18.76 -8.89 10.44
N GLU B 215 -19.58 -9.75 11.05
CA GLU B 215 -20.40 -9.50 12.25
C GLU B 215 -19.53 -9.00 13.41
N VAL B 235 -24.60 -6.37 0.30
CA VAL B 235 -24.06 -7.78 0.18
C VAL B 235 -25.02 -8.73 -0.58
N PRO B 236 -24.57 -9.30 -1.72
CA PRO B 236 -25.42 -10.24 -2.46
C PRO B 236 -26.07 -11.37 -1.61
N MSE B 237 -25.31 -11.98 -0.68
CA MSE B 237 -25.87 -12.99 0.18
C MSE B 237 -26.79 -12.42 1.24
O MSE B 237 -27.35 -13.20 1.98
CB MSE B 237 -24.78 -13.75 0.94
CG MSE B 237 -24.07 -14.74 0.04
SE MSE B 237 -22.90 -16.11 0.89
CE MSE B 237 -24.01 -16.33 2.42
N GLN B 238 -26.86 -11.09 1.36
CA GLN B 238 -27.86 -10.43 2.24
C GLN B 238 -27.60 -10.56 3.73
N ARG B 239 -26.35 -10.72 4.13
CA ARG B 239 -26.06 -10.91 5.56
C ARG B 239 -24.57 -10.67 5.66
N ALA B 240 -24.12 -10.11 6.77
CA ALA B 240 -22.71 -10.15 7.20
C ALA B 240 -22.14 -11.58 7.34
N GLY B 241 -20.82 -11.73 7.19
CA GLY B 241 -20.15 -13.00 7.45
C GLY B 241 -19.88 -13.17 8.95
N MSE B 242 -19.77 -14.42 9.40
CA MSE B 242 -19.37 -14.65 10.78
C MSE B 242 -17.84 -14.70 10.82
O MSE B 242 -17.21 -15.14 9.86
CB MSE B 242 -19.92 -15.96 11.33
CG MSE B 242 -21.41 -16.10 11.01
SE MSE B 242 -21.97 -17.85 11.71
CE MSE B 242 -21.43 -19.29 10.47
N PRO B 243 -17.22 -14.28 11.94
CA PRO B 243 -15.74 -14.46 12.09
C PRO B 243 -15.26 -15.86 11.70
N GLU B 244 -16.04 -16.87 12.07
CA GLU B 244 -15.73 -18.28 11.86
C GLU B 244 -15.63 -18.62 10.39
N GLU B 245 -16.43 -17.95 9.55
CA GLU B 245 -16.37 -18.27 8.09
C GLU B 245 -15.09 -17.74 7.50
N VAL B 246 -14.61 -16.62 8.03
CA VAL B 246 -13.28 -16.08 7.56
C VAL B 246 -12.19 -17.04 8.04
N ALA B 247 -12.29 -17.48 9.30
CA ALA B 247 -11.35 -18.45 9.89
C ALA B 247 -11.30 -19.71 9.07
N ASP B 248 -12.48 -20.19 8.62
CA ASP B 248 -12.51 -21.34 7.77
C ASP B 248 -11.62 -21.18 6.51
N ALA B 249 -11.73 -20.04 5.86
CA ALA B 249 -10.94 -19.80 4.65
C ALA B 249 -9.40 -19.73 4.99
N ILE B 250 -9.07 -19.01 6.05
CA ILE B 250 -7.67 -18.85 6.50
C ILE B 250 -7.08 -20.21 6.83
N LEU B 251 -7.84 -21.08 7.51
CA LEU B 251 -7.29 -22.42 7.86
C LEU B 251 -7.07 -23.27 6.65
N TYR B 252 -8.02 -23.15 5.72
CA TYR B 252 -7.84 -23.85 4.45
C TYR B 252 -6.52 -23.41 3.79
N LEU B 253 -6.28 -22.10 3.72
CA LEU B 253 -5.05 -21.61 3.04
C LEU B 253 -3.75 -22.01 3.80
N LEU B 254 -3.89 -22.28 5.10
CA LEU B 254 -2.71 -22.69 5.93
C LEU B 254 -2.45 -24.17 5.82
N SER B 255 -3.38 -24.93 5.21
CA SER B 255 -3.40 -26.41 5.25
C SER B 255 -2.73 -27.02 4.04
N PRO B 256 -2.38 -28.32 4.15
CA PRO B 256 -1.78 -29.05 3.06
C PRO B 256 -2.79 -29.32 1.94
N SER B 257 -4.08 -29.03 2.15
CA SER B 257 -5.10 -29.13 1.08
C SER B 257 -5.05 -27.87 0.20
N ALA B 258 -4.11 -26.97 0.52
CA ALA B 258 -3.82 -25.80 -0.39
C ALA B 258 -2.36 -25.81 -0.89
N SER B 259 -1.79 -27.02 -1.01
CA SER B 259 -0.37 -27.21 -1.31
C SER B 259 0.15 -26.67 -2.65
N TYR B 260 -0.76 -26.39 -3.58
CA TYR B 260 -0.32 -25.70 -4.82
C TYR B 260 -0.86 -24.28 -4.96
N VAL B 261 -1.39 -23.75 -3.86
CA VAL B 261 -1.95 -22.44 -3.83
C VAL B 261 -0.97 -21.50 -3.13
N THR B 262 -0.40 -20.59 -3.87
CA THR B 262 0.44 -19.61 -3.22
C THR B 262 0.43 -18.35 -4.05
N GLY B 263 0.44 -17.22 -3.41
CA GLY B 263 0.29 -15.96 -4.13
C GLY B 263 -1.16 -15.68 -4.53
N SER B 264 -2.11 -16.35 -3.91
CA SER B 264 -3.53 -16.13 -4.25
C SER B 264 -4.19 -15.36 -3.16
N ILE B 265 -5.29 -14.69 -3.51
CA ILE B 265 -6.00 -13.87 -2.55
C ILE B 265 -7.47 -14.23 -2.71
N LEU B 266 -8.04 -14.76 -1.63
CA LEU B 266 -9.37 -15.32 -1.65
C LEU B 266 -10.39 -14.38 -1.01
N ASN B 267 -11.41 -13.94 -1.76
CA ASN B 267 -12.40 -12.99 -1.18
C ASN B 267 -13.34 -13.74 -0.26
N VAL B 268 -13.70 -13.21 0.93
CA VAL B 268 -14.62 -13.89 1.83
C VAL B 268 -15.67 -12.82 2.18
N SER B 269 -16.60 -12.60 1.24
CA SER B 269 -17.33 -11.34 1.10
C SER B 269 -18.83 -11.55 0.83
N GLY B 270 -19.29 -12.79 0.75
CA GLY B 270 -20.72 -13.02 0.42
C GLY B 270 -21.14 -12.43 -0.95
N GLY B 271 -20.18 -12.28 -1.86
CA GLY B 271 -20.43 -11.73 -3.21
C GLY B 271 -20.01 -10.27 -3.40
N ARG B 272 -19.71 -9.57 -2.33
CA ARG B 272 -19.26 -8.20 -2.38
C ARG B 272 -17.83 -8.03 -2.99
#